data_4KCC
#
_entry.id   4KCC
#
_cell.length_a   87.269
_cell.length_b   66.359
_cell.length_c   63.468
_cell.angle_alpha   90.00
_cell.angle_beta   105.21
_cell.angle_gamma   90.00
#
_symmetry.space_group_name_H-M   'C 1 2 1'
#
loop_
_entity.id
_entity.type
_entity.pdbx_description
1 polymer 'Glutamate receptor ionotropic, NMDA 1'
2 non-polymer 'PHOSPHATE ION'
3 water water
#
_entity_poly.entity_id   1
_entity_poly.type   'polypeptide(L)'
_entity_poly.pdbx_seq_one_letter_code
;GMSTRLKIVTIHQEPFVYVKPTMSDGTCKEEFTVNGDPVKKVICTGPNDTSPGSPRHTVPQCCYGFCIDLLIKLARTMNF
TYEVHLVADGKFGTQERVNNSNKKEWNGMMGELLSGQADMIVAPLTINNERAQYIEFSKPFKYQGLTILVKKGTRITGIN
DPRLRNPSDKFIYATVKQSSVDIYFRRQVELSTMYRHMEKHNYESAAEAIQAVRDNKLHAFIWDSAVLEFEASQKCDLVT
TGELFFRSGFGIGMRKDSPWKQNVSLSILKSHENGFMEDLDKTWVRYQECDS
;
_entity_poly.pdbx_strand_id   A
#
# COMPACT_ATOMS: atom_id res chain seq x y z
N SER A 3 8.07 -17.06 23.29
CA SER A 3 9.15 -16.47 24.09
C SER A 3 9.10 -14.92 24.12
N THR A 4 9.40 -14.28 23.00
CA THR A 4 9.36 -12.81 22.92
C THR A 4 8.43 -12.35 21.77
N ARG A 5 7.78 -11.21 21.98
CA ARG A 5 6.78 -10.70 21.03
C ARG A 5 7.50 -10.23 19.78
N LEU A 6 6.96 -10.57 18.62
CA LEU A 6 7.54 -10.04 17.38
C LEU A 6 7.25 -8.57 17.31
N LYS A 7 8.21 -7.79 16.84
CA LYS A 7 7.98 -6.38 16.61
C LYS A 7 7.48 -6.15 15.20
N ILE A 8 6.21 -5.81 15.07
CA ILE A 8 5.62 -5.56 13.75
C ILE A 8 5.63 -4.08 13.44
N VAL A 9 6.17 -3.71 12.28
CA VAL A 9 6.10 -2.32 11.86
C VAL A 9 5.10 -2.21 10.72
N THR A 10 4.30 -1.14 10.74
CA THR A 10 3.33 -0.89 9.69
C THR A 10 3.27 0.61 9.38
N ILE A 11 2.41 0.98 8.46
CA ILE A 11 2.32 2.35 8.03
C ILE A 11 0.86 2.66 7.76
N HIS A 12 0.48 3.93 7.89
CA HIS A 12 -0.90 4.35 7.68
C HIS A 12 -1.26 4.37 6.18
N GLN A 13 -2.14 3.48 5.74
CA GLN A 13 -2.65 3.53 4.36
C GLN A 13 -3.96 2.78 4.25
N GLU A 14 -5.07 3.49 4.18
CA GLU A 14 -6.36 2.84 4.09
C GLU A 14 -6.41 2.18 2.71
N PRO A 15 -7.12 1.06 2.58
CA PRO A 15 -7.89 0.35 3.60
C PRO A 15 -7.06 -0.76 4.24
N PHE A 16 -5.75 -0.70 4.03
CA PHE A 16 -4.85 -1.72 4.60
C PHE A 16 -4.58 -1.52 6.07
N VAL A 17 -4.31 -0.28 6.44
CA VAL A 17 -4.15 0.10 7.83
C VAL A 17 -4.80 1.47 8.07
N TYR A 18 -5.90 1.45 8.84
CA TYR A 18 -6.49 2.67 9.37
C TYR A 18 -5.79 2.99 10.68
N VAL A 19 -5.65 4.27 10.97
CA VAL A 19 -5.09 4.72 12.25
C VAL A 19 -6.00 5.77 12.88
N LYS A 20 -6.44 5.53 14.12
CA LYS A 20 -7.38 6.43 14.76
C LYS A 20 -6.94 6.61 16.21
N PRO A 21 -7.29 7.74 16.82
CA PRO A 21 -6.91 7.92 18.23
C PRO A 21 -7.65 6.95 19.12
N THR A 22 -7.07 6.64 20.29
CA THR A 22 -7.83 5.92 21.33
C THR A 22 -8.90 6.82 21.92
N MET A 23 -9.91 6.23 22.51
CA MET A 23 -10.88 6.98 23.29
C MET A 23 -10.28 7.51 24.59
N SER A 24 -11.07 8.27 25.34
CA SER A 24 -10.58 8.95 26.53
C SER A 24 -10.01 7.99 27.55
N ASP A 25 -10.49 6.75 27.55
CA ASP A 25 -10.04 5.77 28.53
C ASP A 25 -8.90 4.91 28.00
N GLY A 26 -8.46 5.20 26.78
CA GLY A 26 -7.29 4.51 26.24
C GLY A 26 -7.62 3.28 25.43
N THR A 27 -8.90 2.96 25.30
CA THR A 27 -9.32 1.81 24.53
C THR A 27 -9.70 2.28 23.13
N CYS A 28 -9.86 1.31 22.24
CA CYS A 28 -10.31 1.57 20.89
C CYS A 28 -11.82 1.36 20.80
N LYS A 29 -12.48 2.33 20.18
CA LYS A 29 -13.92 2.33 20.00
C LYS A 29 -14.38 0.99 19.43
N GLU A 30 -15.38 0.38 20.06
CA GLU A 30 -15.98 -0.85 19.52
C GLU A 30 -16.81 -0.52 18.31
N GLU A 31 -16.46 -1.13 17.18
CA GLU A 31 -17.21 -0.97 15.93
C GLU A 31 -17.51 -2.35 15.34
N PHE A 32 -18.49 -2.41 14.43
CA PHE A 32 -18.98 -3.67 13.86
C PHE A 32 -19.15 -3.52 12.36
N THR A 33 -19.07 -4.64 11.64
CA THR A 33 -19.31 -4.65 10.21
C THR A 33 -20.80 -4.60 9.95
N VAL A 34 -21.20 -4.49 8.70
CA VAL A 34 -22.61 -4.39 8.36
C VAL A 34 -23.36 -5.64 8.84
N ASN A 35 -22.66 -6.77 8.92
CA ASN A 35 -23.30 -8.03 9.30
C ASN A 35 -23.12 -8.38 10.76
N GLY A 36 -22.59 -7.43 11.53
CA GLY A 36 -22.59 -7.56 12.97
C GLY A 36 -21.28 -8.00 13.57
N ASP A 37 -20.30 -8.34 12.73
CA ASP A 37 -19.02 -8.87 13.23
C ASP A 37 -18.19 -7.74 13.80
N PRO A 38 -17.56 -7.96 14.97
CA PRO A 38 -16.67 -6.93 15.52
C PRO A 38 -15.52 -6.62 14.60
N VAL A 39 -15.18 -5.34 14.47
CA VAL A 39 -13.97 -4.95 13.78
C VAL A 39 -12.81 -5.23 14.74
N LYS A 40 -11.86 -6.02 14.29
CA LYS A 40 -10.69 -6.31 15.11
C LYS A 40 -9.74 -5.13 15.07
N LYS A 41 -9.32 -4.67 16.23
CA LYS A 41 -8.38 -3.54 16.29
C LYS A 41 -7.21 -3.92 17.17
N VAL A 42 -6.05 -3.35 16.87
CA VAL A 42 -4.87 -3.53 17.71
C VAL A 42 -4.35 -2.17 18.09
N ILE A 43 -3.75 -2.07 19.27
CA ILE A 43 -3.02 -0.86 19.64
C ILE A 43 -1.72 -0.81 18.84
N CYS A 44 -1.47 0.33 18.22
CA CYS A 44 -0.22 0.53 17.52
C CYS A 44 0.33 1.85 17.99
N THR A 45 1.54 1.83 18.52
CA THR A 45 2.17 3.03 19.03
C THR A 45 2.84 3.69 17.87
N GLY A 46 2.95 5.01 17.92
CA GLY A 46 3.63 5.74 16.86
C GLY A 46 3.36 7.21 16.94
N PRO A 47 4.01 7.98 16.06
CA PRO A 47 3.81 9.43 16.09
C PRO A 47 2.35 9.78 15.78
N ASN A 48 1.83 10.81 16.44
CA ASN A 48 0.50 11.33 16.12
C ASN A 48 0.48 11.97 14.74
N HIS A 57 6.20 13.05 19.12
CA HIS A 57 5.40 12.49 20.21
C HIS A 57 4.79 11.12 19.85
N THR A 58 5.28 10.07 20.51
CA THR A 58 4.83 8.69 20.26
C THR A 58 3.76 8.25 21.23
N VAL A 59 2.60 7.86 20.71
CA VAL A 59 1.49 7.47 21.55
C VAL A 59 0.76 6.27 21.02
N PRO A 60 0.04 5.56 21.91
CA PRO A 60 -0.79 4.43 21.50
C PRO A 60 -1.96 4.93 20.70
N GLN A 61 -2.17 4.32 19.53
CA GLN A 61 -3.27 4.63 18.63
C GLN A 61 -3.97 3.32 18.25
N CYS A 62 -5.06 3.39 17.49
CA CYS A 62 -5.81 2.20 17.11
C CYS A 62 -5.61 1.87 15.63
N CYS A 63 -5.19 0.65 15.33
CA CYS A 63 -4.93 0.23 13.95
C CYS A 63 -5.88 -0.93 13.63
N TYR A 64 -6.46 -0.90 12.43
CA TYR A 64 -7.29 -2.00 11.92
C TYR A 64 -7.29 -1.90 10.38
N GLY A 65 -7.78 -2.94 9.72
CA GLY A 65 -7.85 -2.93 8.25
C GLY A 65 -7.36 -4.28 7.71
N PHE A 66 -7.24 -4.37 6.39
CA PHE A 66 -6.89 -5.60 5.71
C PHE A 66 -5.61 -6.19 6.29
N CYS A 67 -4.58 -5.38 6.48
CA CYS A 67 -3.29 -5.90 6.93
C CYS A 67 -3.31 -6.34 8.41
N ILE A 68 -4.13 -5.68 9.20
CA ILE A 68 -4.24 -6.02 10.63
C ILE A 68 -4.98 -7.35 10.76
N ASP A 69 -6.06 -7.53 10.00
CA ASP A 69 -6.77 -8.80 9.96
C ASP A 69 -5.83 -9.90 9.50
N LEU A 70 -4.98 -9.60 8.54
CA LEU A 70 -4.02 -10.63 8.06
C LEU A 70 -2.99 -11.01 9.14
N LEU A 71 -2.44 -10.01 9.81
CA LEU A 71 -1.55 -10.23 10.95
C LEU A 71 -2.19 -11.12 11.99
N ILE A 72 -3.42 -10.82 12.34
CA ILE A 72 -4.13 -11.55 13.38
C ILE A 72 -4.29 -13.02 12.96
N LYS A 73 -4.68 -13.25 11.71
CA LYS A 73 -4.79 -14.60 11.16
C LYS A 73 -3.45 -15.34 11.19
N LEU A 74 -2.35 -14.66 10.83
CA LEU A 74 -1.03 -15.29 10.87
C LEU A 74 -0.62 -15.61 12.29
N ALA A 75 -0.81 -14.65 13.20
CA ALA A 75 -0.39 -14.84 14.58
C ALA A 75 -1.13 -16.02 15.22
N ARG A 76 -2.41 -16.16 14.91
CA ARG A 76 -3.21 -17.22 15.51
C ARG A 76 -2.90 -18.59 14.90
N THR A 77 -2.66 -18.61 13.59
CA THR A 77 -2.32 -19.82 12.83
C THR A 77 -0.94 -20.36 13.26
N MET A 78 0.06 -19.48 13.30
CA MET A 78 1.44 -19.89 13.63
C MET A 78 1.74 -19.83 15.14
N ASN A 79 0.80 -19.29 15.92
CA ASN A 79 0.94 -19.16 17.37
CA ASN A 79 0.94 -19.16 17.36
C ASN A 79 2.15 -18.33 17.77
N PHE A 80 2.24 -17.10 17.27
CA PHE A 80 3.18 -16.13 17.83
C PHE A 80 2.44 -14.96 18.43
N THR A 81 3.13 -14.20 19.28
CA THR A 81 2.59 -12.96 19.83
C THR A 81 3.38 -11.79 19.27
N TYR A 82 2.82 -10.59 19.36
CA TYR A 82 3.38 -9.44 18.64
C TYR A 82 2.97 -8.09 19.26
N GLU A 83 3.78 -7.07 18.97
CA GLU A 83 3.42 -5.69 19.24
CA GLU A 83 3.43 -5.67 19.24
C GLU A 83 3.60 -4.89 17.95
N VAL A 84 2.61 -4.03 17.63
CA VAL A 84 2.61 -3.29 16.36
C VAL A 84 2.99 -1.85 16.65
N HIS A 85 3.86 -1.29 15.83
CA HIS A 85 4.08 0.14 15.86
C HIS A 85 4.09 0.72 14.47
N LEU A 86 3.80 2.01 14.40
CA LEU A 86 3.82 2.73 13.11
C LEU A 86 5.23 3.24 12.88
N VAL A 87 5.71 3.10 11.64
CA VAL A 87 7.08 3.47 11.33
C VAL A 87 7.40 4.91 11.78
N ALA A 88 8.55 5.07 12.45
CA ALA A 88 8.88 6.31 13.14
C ALA A 88 8.99 7.47 12.18
N ASP A 89 9.59 7.25 11.01
CA ASP A 89 9.78 8.34 10.07
C ASP A 89 8.68 8.45 9.03
N GLY A 90 7.67 7.59 9.14
CA GLY A 90 6.50 7.67 8.28
C GLY A 90 6.71 7.23 6.85
N LYS A 91 7.80 6.50 6.58
CA LYS A 91 8.13 6.15 5.21
C LYS A 91 8.21 4.63 4.97
N PHE A 92 7.97 4.21 3.73
CA PHE A 92 8.19 2.82 3.36
C PHE A 92 9.67 2.46 3.40
N GLY A 93 10.51 3.37 2.93
CA GLY A 93 11.94 3.18 2.92
C GLY A 93 12.60 3.36 1.55
N THR A 94 13.58 4.26 1.47
CA THR A 94 14.45 4.36 0.30
C THR A 94 15.88 4.31 0.77
N GLN A 95 16.82 4.09 -0.14
CA GLN A 95 18.22 4.12 0.21
C GLN A 95 18.71 5.54 0.04
N GLU A 96 19.27 6.10 1.10
CA GLU A 96 19.74 7.47 1.04
C GLU A 96 21.02 7.70 1.81
N ARG A 97 21.77 8.72 1.38
CA ARG A 97 23.08 8.99 1.93
C ARG A 97 22.91 9.60 3.30
N VAL A 98 23.85 9.28 4.20
CA VAL A 98 23.81 9.82 5.56
C VAL A 98 25.15 10.47 5.89
N LYS A 104 25.16 4.49 1.59
CA LYS A 104 23.69 4.58 1.61
C LYS A 104 23.04 3.59 2.61
N GLU A 105 22.07 4.09 3.37
CA GLU A 105 21.32 3.26 4.31
C GLU A 105 19.84 3.40 4.06
N TRP A 106 19.10 2.31 4.24
CA TRP A 106 17.66 2.32 4.08
C TRP A 106 17.05 3.12 5.20
N ASN A 107 16.01 3.89 4.86
CA ASN A 107 15.21 4.50 5.91
C ASN A 107 13.83 3.85 5.95
N GLY A 108 12.88 4.47 6.64
CA GLY A 108 11.54 3.90 6.79
C GLY A 108 11.46 2.46 7.32
N MET A 109 10.49 1.71 6.84
CA MET A 109 10.24 0.35 7.34
C MET A 109 11.36 -0.59 6.99
N MET A 110 11.94 -0.43 5.79
CA MET A 110 13.13 -1.19 5.43
C MET A 110 14.25 -1.01 6.43
N GLY A 111 14.60 0.24 6.76
CA GLY A 111 15.64 0.50 7.74
C GLY A 111 15.32 -0.11 9.11
N GLU A 112 14.06 -0.01 9.55
CA GLU A 112 13.65 -0.55 10.85
C GLU A 112 13.77 -2.06 10.85
N LEU A 113 13.34 -2.68 9.75
CA LEU A 113 13.48 -4.13 9.63
C LEU A 113 14.95 -4.55 9.67
N LEU A 114 15.80 -3.86 8.90
CA LEU A 114 17.20 -4.23 8.85
C LEU A 114 17.91 -3.97 10.20
N SER A 115 17.48 -2.95 10.93
CA SER A 115 18.17 -2.59 12.18
C SER A 115 17.71 -3.43 13.37
N GLY A 116 16.59 -4.14 13.22
CA GLY A 116 16.05 -4.96 14.30
C GLY A 116 15.00 -4.25 15.11
N GLN A 117 14.74 -2.99 14.77
CA GLN A 117 13.63 -2.24 15.34
C GLN A 117 12.29 -2.87 14.99
N ALA A 118 12.28 -3.65 13.91
CA ALA A 118 11.12 -4.43 13.56
C ALA A 118 11.60 -5.82 13.19
N ASP A 119 10.72 -6.80 13.38
CA ASP A 119 10.94 -8.17 12.95
C ASP A 119 10.17 -8.53 11.70
N MET A 120 9.06 -7.83 11.46
CA MET A 120 8.28 -8.00 10.25
C MET A 120 7.70 -6.68 9.83
N ILE A 121 7.64 -6.45 8.52
CA ILE A 121 6.89 -5.34 7.97
C ILE A 121 5.58 -5.90 7.47
N VAL A 122 4.47 -5.46 8.07
CA VAL A 122 3.15 -5.92 7.65
C VAL A 122 2.40 -4.70 7.17
N ALA A 123 2.38 -4.55 5.85
CA ALA A 123 1.92 -3.31 5.22
C ALA A 123 1.82 -3.57 3.74
N PRO A 124 1.25 -2.61 2.98
CA PRO A 124 1.21 -2.74 1.51
C PRO A 124 2.58 -2.44 0.90
N LEU A 125 3.49 -3.40 1.07
CA LEU A 125 4.91 -3.24 0.76
C LEU A 125 5.18 -3.95 -0.55
N THR A 126 5.47 -3.19 -1.59
CA THR A 126 5.64 -3.79 -2.89
C THR A 126 6.91 -4.61 -3.01
N ILE A 127 6.76 -5.81 -3.57
CA ILE A 127 7.91 -6.65 -3.87
C ILE A 127 8.62 -6.11 -5.11
N ASN A 128 9.90 -5.74 -4.95
CA ASN A 128 10.69 -5.27 -6.08
C ASN A 128 12.15 -5.70 -5.95
N ASN A 129 12.89 -5.55 -7.03
CA ASN A 129 14.25 -6.04 -7.06
C ASN A 129 15.08 -5.40 -5.98
N GLU A 130 14.98 -4.08 -5.85
CA GLU A 130 15.89 -3.37 -4.96
C GLU A 130 15.71 -3.85 -3.51
N ARG A 131 14.46 -3.94 -3.06
CA ARG A 131 14.21 -4.40 -1.68
C ARG A 131 14.62 -5.85 -1.47
N ALA A 132 14.30 -6.67 -2.46
CA ALA A 132 14.61 -8.09 -2.40
C ALA A 132 16.11 -8.35 -2.37
N GLN A 133 16.93 -7.38 -2.77
CA GLN A 133 18.36 -7.53 -2.56
C GLN A 133 18.75 -7.53 -1.07
N TYR A 134 17.90 -6.96 -0.20
CA TYR A 134 18.29 -6.72 1.18
C TYR A 134 17.46 -7.49 2.19
N ILE A 135 16.21 -7.76 1.82
CA ILE A 135 15.28 -8.45 2.69
C ILE A 135 14.61 -9.58 1.95
N GLU A 136 13.79 -10.36 2.63
CA GLU A 136 13.01 -11.39 1.96
CA GLU A 136 13.02 -11.38 1.95
C GLU A 136 11.54 -11.09 2.14
N PHE A 137 10.73 -11.60 1.23
CA PHE A 137 9.32 -11.35 1.24
C PHE A 137 8.58 -12.67 1.34
N SER A 138 7.44 -12.64 2.01
CA SER A 138 6.46 -13.70 1.85
C SER A 138 5.90 -13.72 0.43
N LYS A 139 5.27 -14.81 0.04
CA LYS A 139 4.39 -14.82 -1.09
C LYS A 139 3.40 -13.67 -0.97
N PRO A 140 2.93 -13.16 -2.10
CA PRO A 140 2.15 -11.93 -2.04
C PRO A 140 0.73 -12.12 -1.50
N PHE A 141 0.27 -11.22 -0.62
CA PHE A 141 -1.10 -11.30 -0.10
C PHE A 141 -2.10 -10.53 -0.91
N LYS A 142 -1.59 -9.71 -1.85
CA LYS A 142 -2.46 -8.94 -2.73
C LYS A 142 -1.66 -8.59 -3.98
N TYR A 143 -2.30 -8.72 -5.13
CA TYR A 143 -1.69 -8.37 -6.40
C TYR A 143 -2.13 -6.98 -6.80
N GLN A 144 -1.23 -6.24 -7.44
CA GLN A 144 -1.64 -4.93 -7.92
C GLN A 144 -0.76 -4.52 -9.08
N GLY A 145 -0.73 -3.24 -9.39
CA GLY A 145 0.02 -2.79 -10.55
C GLY A 145 -0.16 -1.31 -10.61
N LEU A 146 0.20 -0.70 -11.73
CA LEU A 146 -0.07 0.70 -11.96
C LEU A 146 -1.37 0.83 -12.73
N THR A 147 -2.09 1.89 -12.44
CA THR A 147 -3.27 2.20 -13.20
C THR A 147 -3.40 3.72 -13.28
N ILE A 148 -4.52 4.19 -13.80
CA ILE A 148 -4.63 5.57 -14.13
C ILE A 148 -5.93 6.14 -13.58
N LEU A 149 -5.81 7.22 -12.83
CA LEU A 149 -6.97 7.86 -12.22
C LEU A 149 -7.36 9.06 -13.06
N VAL A 150 -8.65 9.11 -13.44
CA VAL A 150 -9.17 10.20 -14.24
C VAL A 150 -10.53 10.62 -13.69
N LYS A 151 -11.02 11.76 -14.13
CA LYS A 151 -12.38 12.18 -13.84
C LYS A 151 -13.41 11.24 -14.48
N LYS A 152 -14.51 10.96 -13.78
CA LYS A 152 -15.57 10.15 -14.36
C LYS A 152 -15.93 10.65 -15.78
N GLY A 153 -16.10 9.72 -16.71
CA GLY A 153 -16.43 10.08 -18.09
C GLY A 153 -15.23 10.11 -19.03
N THR A 154 -14.03 10.19 -18.46
CA THR A 154 -12.80 10.23 -19.24
C THR A 154 -12.34 8.81 -19.57
N ARG A 155 -11.96 8.59 -20.83
CA ARG A 155 -11.61 7.26 -21.34
C ARG A 155 -10.15 7.18 -21.76
N ILE A 156 -9.39 6.31 -21.10
CA ILE A 156 -7.98 6.10 -21.40
C ILE A 156 -7.75 4.58 -21.36
N THR A 157 -7.22 4.01 -22.43
CA THR A 157 -7.15 2.56 -22.53
C THR A 157 -6.04 1.92 -21.66
N GLY A 158 -5.10 2.74 -21.21
CA GLY A 158 -3.89 2.22 -20.60
C GLY A 158 -2.65 2.98 -21.00
N ILE A 159 -1.51 2.38 -20.74
CA ILE A 159 -0.25 3.02 -21.01
C ILE A 159 0.00 3.23 -22.52
N ASN A 160 -0.76 2.53 -23.36
CA ASN A 160 -0.62 2.67 -24.83
C ASN A 160 -1.62 3.62 -25.49
N ASP A 161 -2.46 4.26 -24.68
CA ASP A 161 -3.44 5.19 -25.21
C ASP A 161 -2.77 6.33 -26.01
N PRO A 162 -3.34 6.66 -27.18
CA PRO A 162 -2.72 7.70 -27.99
C PRO A 162 -2.55 9.03 -27.27
N ARG A 163 -3.39 9.39 -26.30
CA ARG A 163 -3.22 10.68 -25.59
C ARG A 163 -2.09 10.61 -24.55
N LEU A 164 -1.67 9.41 -24.18
CA LEU A 164 -0.48 9.26 -23.34
C LEU A 164 0.76 9.19 -24.25
N ARG A 165 0.71 8.38 -25.28
CA ARG A 165 1.87 8.19 -26.16
C ARG A 165 2.25 9.45 -26.93
N ASN A 166 1.27 10.30 -27.21
CA ASN A 166 1.49 11.51 -27.99
C ASN A 166 0.99 12.68 -27.16
N PRO A 167 1.80 13.13 -26.19
CA PRO A 167 1.25 14.09 -25.23
C PRO A 167 1.10 15.51 -25.76
N SER A 168 0.16 16.23 -25.16
CA SER A 168 0.05 17.67 -25.35
C SER A 168 -0.59 18.24 -24.11
N ASP A 169 -0.57 19.55 -24.00
CA ASP A 169 -1.21 20.22 -22.87
C ASP A 169 -2.75 20.13 -22.85
N LYS A 170 -3.37 19.57 -23.89
CA LYS A 170 -4.81 19.31 -23.87
C LYS A 170 -5.17 18.16 -22.95
N PHE A 171 -4.21 17.26 -22.70
CA PHE A 171 -4.45 16.16 -21.76
C PHE A 171 -3.19 15.88 -20.96
N ILE A 172 -3.11 16.54 -19.79
CA ILE A 172 -1.96 16.46 -18.88
C ILE A 172 -2.02 15.25 -17.94
N TYR A 173 -0.94 14.47 -17.90
CA TYR A 173 -0.86 13.34 -17.01
C TYR A 173 0.47 13.39 -16.25
N ALA A 174 0.52 12.78 -15.07
CA ALA A 174 1.69 12.93 -14.25
C ALA A 174 1.71 11.84 -13.19
N THR A 175 2.81 11.77 -12.46
CA THR A 175 2.89 10.89 -11.29
C THR A 175 3.51 11.67 -10.17
N VAL A 176 3.98 10.99 -9.12
CA VAL A 176 4.61 11.67 -8.00
C VAL A 176 6.13 11.71 -8.22
N LYS A 177 6.70 12.91 -8.15
CA LYS A 177 8.15 13.09 -8.30
C LYS A 177 8.95 12.09 -7.47
N GLN A 178 10.03 11.57 -8.04
CA GLN A 178 10.99 10.71 -7.33
C GLN A 178 10.41 9.41 -6.81
N SER A 179 9.22 9.07 -7.23
CA SER A 179 8.57 7.84 -6.81
C SER A 179 9.06 6.67 -7.64
N SER A 180 8.67 5.46 -7.25
CA SER A 180 8.94 4.26 -8.03
C SER A 180 8.34 4.34 -9.45
N VAL A 181 7.26 5.10 -9.59
CA VAL A 181 6.64 5.26 -10.90
C VAL A 181 7.51 6.15 -11.78
N ASP A 182 7.87 7.32 -11.26
CA ASP A 182 8.82 8.21 -11.92
C ASP A 182 10.03 7.43 -12.42
N ILE A 183 10.59 6.58 -11.55
CA ILE A 183 11.81 5.85 -11.88
C ILE A 183 11.57 4.81 -12.97
N TYR A 184 10.41 4.17 -12.95
CA TYR A 184 10.02 3.20 -13.99
C TYR A 184 9.96 3.81 -15.37
N PHE A 185 9.31 4.97 -15.49
CA PHE A 185 9.23 5.65 -16.78
C PHE A 185 10.60 6.15 -17.24
N ARG A 186 11.44 6.56 -16.30
CA ARG A 186 12.77 7.06 -16.65
C ARG A 186 13.65 6.00 -17.31
N ARG A 187 13.35 4.73 -17.02
CA ARG A 187 14.27 3.64 -17.32
C ARG A 187 14.09 2.97 -18.68
N GLN A 188 12.97 3.23 -19.34
CA GLN A 188 12.72 2.62 -20.64
C GLN A 188 12.70 3.64 -21.75
N VAL A 189 13.50 3.36 -22.78
CA VAL A 189 13.65 4.29 -23.89
C VAL A 189 12.32 4.50 -24.62
N GLU A 190 11.50 3.46 -24.71
CA GLU A 190 10.26 3.55 -25.48
C GLU A 190 9.22 4.45 -24.80
N LEU A 191 9.44 4.74 -23.52
CA LEU A 191 8.54 5.63 -22.76
C LEU A 191 9.15 7.02 -22.65
N SER A 192 10.21 7.25 -23.41
CA SER A 192 10.97 8.48 -23.35
C SER A 192 10.07 9.71 -23.48
N THR A 193 9.18 9.66 -24.46
CA THR A 193 8.32 10.80 -24.77
C THR A 193 7.31 11.04 -23.66
N MET A 194 6.81 9.97 -23.06
CA MET A 194 5.88 10.11 -21.96
C MET A 194 6.61 10.66 -20.75
N TYR A 195 7.80 10.12 -20.47
CA TYR A 195 8.58 10.56 -19.32
C TYR A 195 8.86 12.07 -19.36
N ARG A 196 9.15 12.61 -20.53
CA ARG A 196 9.49 14.03 -20.66
C ARG A 196 8.28 14.92 -20.38
N HIS A 197 7.10 14.45 -20.75
CA HIS A 197 5.86 15.17 -20.42
C HIS A 197 5.65 15.13 -18.91
N MET A 198 5.74 13.94 -18.34
CA MET A 198 5.50 13.78 -16.92
C MET A 198 6.49 14.57 -16.09
N GLU A 199 7.74 14.57 -16.51
CA GLU A 199 8.82 15.26 -15.79
C GLU A 199 8.45 16.74 -15.60
N LYS A 200 7.60 17.25 -16.49
CA LYS A 200 7.16 18.64 -16.44
C LYS A 200 5.94 18.88 -15.55
N HIS A 201 5.18 17.83 -15.25
CA HIS A 201 3.93 18.03 -14.51
C HIS A 201 3.85 17.28 -13.18
N ASN A 202 4.90 16.55 -12.83
CA ASN A 202 4.85 15.64 -11.70
C ASN A 202 4.49 16.40 -10.42
N TYR A 203 3.82 15.73 -9.49
CA TYR A 203 3.37 16.36 -8.23
C TYR A 203 4.23 15.95 -7.03
N GLU A 204 4.15 16.72 -5.96
CA GLU A 204 5.00 16.47 -4.81
C GLU A 204 4.48 15.27 -4.02
N SER A 205 3.18 15.00 -4.08
CA SER A 205 2.61 13.89 -3.33
C SER A 205 1.36 13.36 -4.03
N ALA A 206 1.04 12.10 -3.75
CA ALA A 206 -0.16 11.50 -4.33
C ALA A 206 -1.43 12.24 -3.91
N ALA A 207 -1.53 12.69 -2.66
CA ALA A 207 -2.72 13.43 -2.25
C ALA A 207 -2.98 14.67 -3.12
N GLU A 208 -1.93 15.43 -3.44
CA GLU A 208 -2.12 16.63 -4.23
C GLU A 208 -2.47 16.26 -5.68
N ALA A 209 -1.87 15.18 -6.19
CA ALA A 209 -2.17 14.76 -7.56
C ALA A 209 -3.63 14.35 -7.61
N ILE A 210 -4.06 13.61 -6.59
CA ILE A 210 -5.44 13.14 -6.56
C ILE A 210 -6.40 14.33 -6.54
N GLN A 211 -6.13 15.32 -5.68
CA GLN A 211 -6.97 16.51 -5.62
C GLN A 211 -7.00 17.22 -6.98
N ALA A 212 -5.85 17.31 -7.64
CA ALA A 212 -5.77 18.00 -8.94
C ALA A 212 -6.67 17.36 -10.00
N VAL A 213 -6.81 16.03 -9.95
CA VAL A 213 -7.72 15.36 -10.89
C VAL A 213 -9.14 15.77 -10.53
N ARG A 214 -9.51 15.74 -9.24
CA ARG A 214 -10.84 16.18 -8.84
C ARG A 214 -11.12 17.61 -9.35
N ASP A 215 -10.09 18.45 -9.33
CA ASP A 215 -10.23 19.86 -9.69
C ASP A 215 -9.98 20.13 -11.18
N ASN A 216 -9.83 19.07 -11.97
CA ASN A 216 -9.59 19.20 -13.41
C ASN A 216 -8.35 20.01 -13.78
N LYS A 217 -7.33 19.99 -12.91
CA LYS A 217 -6.04 20.60 -13.19
C LYS A 217 -5.05 19.56 -13.69
N LEU A 218 -5.41 18.29 -13.51
CA LEU A 218 -4.58 17.17 -13.95
C LEU A 218 -5.55 16.18 -14.56
N HIS A 219 -5.30 15.75 -15.78
CA HIS A 219 -6.30 14.94 -16.44
C HIS A 219 -6.15 13.46 -16.08
N ALA A 220 -4.93 13.05 -15.75
CA ALA A 220 -4.70 11.64 -15.42
C ALA A 220 -3.52 11.51 -14.47
N PHE A 221 -3.70 10.69 -13.42
CA PHE A 221 -2.66 10.47 -12.43
C PHE A 221 -2.27 9.00 -12.48
N ILE A 222 -0.99 8.71 -12.67
CA ILE A 222 -0.52 7.34 -12.79
C ILE A 222 0.06 6.89 -11.45
N TRP A 223 -0.53 5.84 -10.89
CA TRP A 223 -0.19 5.45 -9.53
C TRP A 223 -0.60 4.00 -9.23
N ASP A 224 -0.23 3.55 -8.03
CA ASP A 224 -0.56 2.22 -7.51
CA ASP A 224 -0.56 2.23 -7.50
C ASP A 224 -2.05 1.95 -7.52
N SER A 225 -2.45 0.80 -8.07
CA SER A 225 -3.86 0.49 -8.24
C SER A 225 -4.57 0.30 -6.91
N ALA A 226 -3.85 -0.22 -5.92
CA ALA A 226 -4.47 -0.41 -4.60
C ALA A 226 -4.82 0.93 -3.97
N VAL A 227 -4.06 1.97 -4.28
CA VAL A 227 -4.41 3.31 -3.83
C VAL A 227 -5.52 3.88 -4.65
N LEU A 228 -5.38 3.88 -5.98
CA LEU A 228 -6.32 4.57 -6.84
C LEU A 228 -7.73 3.95 -6.85
N GLU A 229 -7.81 2.63 -6.80
CA GLU A 229 -9.08 1.92 -6.76
C GLU A 229 -9.80 2.26 -5.46
N PHE A 230 -9.04 2.44 -4.42
CA PHE A 230 -9.67 2.79 -3.17
C PHE A 230 -10.21 4.22 -3.28
N GLU A 231 -9.48 5.12 -3.93
CA GLU A 231 -9.99 6.48 -4.10
C GLU A 231 -11.29 6.50 -4.89
N ALA A 232 -11.33 5.73 -5.97
CA ALA A 232 -12.50 5.69 -6.81
C ALA A 232 -13.70 5.10 -6.10
N SER A 233 -13.46 4.15 -5.18
CA SER A 233 -14.55 3.52 -4.45
C SER A 233 -15.20 4.48 -3.46
N GLN A 234 -14.47 5.56 -3.13
CA GLN A 234 -14.92 6.50 -2.10
C GLN A 234 -15.34 7.85 -2.64
N LYS A 235 -14.86 8.18 -3.82
CA LYS A 235 -15.12 9.48 -4.43
C LYS A 235 -15.68 9.23 -5.82
N CYS A 236 -17.00 9.40 -5.96
CA CYS A 236 -17.68 9.02 -7.19
C CYS A 236 -17.40 9.88 -8.42
N ASP A 237 -16.73 11.03 -8.24
CA ASP A 237 -16.31 11.85 -9.39
C ASP A 237 -14.98 11.38 -10.00
N LEU A 238 -14.36 10.37 -9.40
CA LEU A 238 -13.11 9.81 -9.90
C LEU A 238 -13.29 8.36 -10.28
N VAL A 239 -12.54 7.91 -11.28
CA VAL A 239 -12.57 6.49 -11.64
C VAL A 239 -11.17 6.05 -12.06
N THR A 240 -10.90 4.75 -12.02
CA THR A 240 -9.64 4.28 -12.60
C THR A 240 -9.98 3.81 -14.01
N THR A 241 -8.98 3.79 -14.88
CA THR A 241 -9.27 3.43 -16.26
C THR A 241 -8.11 2.69 -16.87
N GLY A 242 -8.41 1.79 -17.79
CA GLY A 242 -7.36 1.15 -18.55
C GLY A 242 -6.88 -0.15 -17.95
N GLU A 243 -6.05 -0.83 -18.73
CA GLU A 243 -5.42 -2.08 -18.34
C GLU A 243 -4.32 -1.79 -17.30
N LEU A 244 -4.20 -2.60 -16.25
CA LEU A 244 -3.09 -2.43 -15.31
C LEU A 244 -1.81 -2.66 -16.05
N PHE A 245 -0.71 -2.04 -15.61
CA PHE A 245 0.60 -2.37 -16.16
C PHE A 245 1.62 -2.35 -15.06
N PHE A 246 2.82 -2.83 -15.34
CA PHE A 246 3.83 -2.99 -14.30
C PHE A 246 3.22 -3.69 -13.09
N ARG A 247 2.67 -4.87 -13.29
CA ARG A 247 2.08 -5.64 -12.20
C ARG A 247 3.13 -6.06 -11.21
N SER A 248 2.69 -6.19 -9.96
CA SER A 248 3.54 -6.58 -8.86
C SER A 248 2.66 -7.15 -7.74
N GLY A 249 3.27 -7.42 -6.59
CA GLY A 249 2.49 -7.87 -5.44
C GLY A 249 2.96 -7.22 -4.16
N PHE A 250 2.12 -7.30 -3.13
CA PHE A 250 2.46 -6.82 -1.82
C PHE A 250 2.83 -8.06 -1.01
N GLY A 251 3.92 -7.99 -0.26
CA GLY A 251 4.34 -9.10 0.58
C GLY A 251 4.74 -8.66 1.95
N ILE A 252 4.73 -9.59 2.89
CA ILE A 252 5.23 -9.29 4.24
C ILE A 252 6.76 -9.33 4.14
N GLY A 253 7.42 -8.33 4.72
CA GLY A 253 8.87 -8.22 4.71
C GLY A 253 9.48 -8.81 5.97
N MET A 254 10.55 -9.58 5.79
CA MET A 254 11.32 -10.15 6.89
C MET A 254 12.80 -10.13 6.57
N ARG A 255 13.66 -10.12 7.59
CA ARG A 255 15.12 -10.19 7.32
C ARG A 255 15.40 -11.53 6.64
N LYS A 256 16.46 -11.61 5.86
CA LYS A 256 16.84 -12.87 5.23
C LYS A 256 17.02 -14.00 6.22
N ASP A 257 16.58 -15.20 5.81
CA ASP A 257 16.70 -16.43 6.62
C ASP A 257 15.86 -16.40 7.90
N SER A 258 14.75 -15.68 7.83
CA SER A 258 13.74 -15.60 8.89
C SER A 258 13.18 -16.97 9.23
N PRO A 259 12.91 -17.22 10.52
CA PRO A 259 12.24 -18.50 10.79
C PRO A 259 10.75 -18.47 10.42
N TRP A 260 10.23 -17.28 10.14
CA TRP A 260 8.80 -17.13 9.91
C TRP A 260 8.39 -17.25 8.45
N LYS A 261 9.33 -17.10 7.52
CA LYS A 261 8.91 -16.89 6.13
C LYS A 261 8.12 -18.05 5.54
N GLN A 262 8.60 -19.28 5.72
CA GLN A 262 7.96 -20.42 5.04
C GLN A 262 6.51 -20.55 5.48
N ASN A 263 6.25 -20.46 6.78
CA ASN A 263 4.90 -20.64 7.28
C ASN A 263 3.97 -19.46 7.02
N VAL A 264 4.53 -18.25 7.00
CA VAL A 264 3.75 -17.08 6.61
C VAL A 264 3.33 -17.23 5.12
N SER A 265 4.27 -17.63 4.27
CA SER A 265 3.98 -17.84 2.84
C SER A 265 2.94 -18.95 2.65
N LEU A 266 3.09 -20.06 3.37
CA LEU A 266 2.13 -21.15 3.19
C LEU A 266 0.72 -20.70 3.61
N SER A 267 0.64 -19.95 4.70
CA SER A 267 -0.66 -19.43 5.19
C SER A 267 -1.27 -18.53 4.15
N ILE A 268 -0.46 -17.64 3.59
CA ILE A 268 -0.98 -16.70 2.61
C ILE A 268 -1.47 -17.47 1.38
N LEU A 269 -0.73 -18.47 0.92
CA LEU A 269 -1.16 -19.21 -0.26
C LEU A 269 -2.48 -19.95 0.05
N LYS A 270 -2.57 -20.53 1.24
CA LYS A 270 -3.78 -21.23 1.60
C LYS A 270 -4.96 -20.26 1.59
N SER A 271 -4.72 -19.04 2.03
CA SER A 271 -5.77 -18.04 2.16
C SER A 271 -6.26 -17.56 0.81
N HIS A 272 -5.40 -17.60 -0.20
CA HIS A 272 -5.87 -17.27 -1.56
C HIS A 272 -6.79 -18.36 -2.03
N GLU A 273 -6.54 -19.57 -1.56
CA GLU A 273 -7.23 -20.72 -2.13
C GLU A 273 -8.49 -21.11 -1.40
N ASN A 274 -8.69 -20.61 -0.18
CA ASN A 274 -9.79 -21.09 0.65
C ASN A 274 -10.87 -20.06 0.96
N GLY A 275 -10.76 -18.87 0.39
CA GLY A 275 -11.74 -17.83 0.56
C GLY A 275 -11.31 -16.77 1.54
N PHE A 276 -10.31 -17.05 2.36
CA PHE A 276 -9.96 -16.08 3.40
C PHE A 276 -9.58 -14.73 2.80
N MET A 277 -8.70 -14.73 1.80
CA MET A 277 -8.26 -13.44 1.27
C MET A 277 -9.40 -12.72 0.60
N GLU A 278 -10.28 -13.49 -0.03
CA GLU A 278 -11.44 -12.94 -0.69
C GLU A 278 -12.38 -12.31 0.32
N ASP A 279 -12.47 -12.89 1.52
CA ASP A 279 -13.31 -12.33 2.55
CA ASP A 279 -13.29 -12.33 2.58
C ASP A 279 -12.71 -11.01 3.04
N LEU A 280 -11.38 -10.92 3.07
CA LEU A 280 -10.76 -9.66 3.46
C LEU A 280 -11.06 -8.58 2.40
N ASP A 281 -11.04 -8.97 1.13
CA ASP A 281 -11.39 -8.01 0.10
CA ASP A 281 -11.44 -8.10 0.01
C ASP A 281 -12.86 -7.56 0.24
N LYS A 282 -13.77 -8.47 0.55
CA LYS A 282 -15.17 -8.10 0.71
C LYS A 282 -15.37 -7.19 1.93
N THR A 283 -14.55 -7.40 2.95
CA THR A 283 -14.63 -6.67 4.20
C THR A 283 -14.06 -5.24 4.10
N TRP A 284 -13.00 -5.09 3.32
CA TRP A 284 -12.21 -3.86 3.35
C TRP A 284 -12.12 -3.11 2.02
N VAL A 285 -12.22 -3.83 0.92
CA VAL A 285 -11.93 -3.22 -0.38
C VAL A 285 -13.17 -2.93 -1.24
N ARG A 286 -14.23 -3.72 -1.05
CA ARG A 286 -15.41 -3.61 -1.93
C ARG A 286 -16.45 -2.62 -1.39
N TYR A 287 -16.92 -1.69 -2.24
CA TYR A 287 -17.99 -0.74 -1.92
C TYR A 287 -18.95 -0.56 -3.09
N GLN A 288 -20.13 -0.01 -2.79
CA GLN A 288 -21.25 0.09 -3.73
C GLN A 288 -21.82 1.50 -3.87
N GLU A 289 -21.21 2.48 -3.20
CA GLU A 289 -21.65 3.86 -3.31
C GLU A 289 -21.56 4.35 -4.77
N CYS A 290 -20.46 4.00 -5.43
CA CYS A 290 -20.20 4.48 -6.79
C CYS A 290 -20.54 3.44 -7.85
#